data_6PYL
#
_entry.id   6PYL
#
_cell.length_a   50.847
_cell.length_b   82.649
_cell.length_c   104.755
_cell.angle_alpha   90.000
_cell.angle_beta   90.000
_cell.angle_gamma   90.000
#
_symmetry.space_group_name_H-M   'P 21 21 21'
#
loop_
_entity.id
_entity.type
_entity.pdbx_description
1 polymer 'HLA class I histocompatibility antigen, B-27:03 alpha chain'
2 polymer Beta-2-microglobulin
3 polymer 'Self-peptide LRN'
4 non-polymer 'MAGNESIUM ION'
5 water water
#
loop_
_entity_poly.entity_id
_entity_poly.type
_entity_poly.pdbx_seq_one_letter_code
_entity_poly.pdbx_strand_id
1 'polypeptide(L)'
;GSHSMRYFHTSVSRPGRGEPRFITVGYVDDTLFVRFDSDAASPREEPRAPWIEQEGPEHWDRETQICKAKAQTDREDLRT
LLRYYNQSEAGSHTLQNMYGCDVGPDGRLLRGYHQDAYDGKDYIALNEDLSSWTAADTAAQITQRKWEAARVAEQLRAYL
EGECVEWLRRYLENGKETLQRADPPKTHVTHHPISDHEATLRCWALGFYPAEITLTWQRDGEDQTQDTELVETRPAGDRT
FQKWAAVVVPSGEEQRYTCHVQHEGLPKPLTLRWEP
;
A
2 'polypeptide(L)'
;MIQRTPKIQVYSRHPAENGKSNFLNCYVSGFHPSDIEVDLLKNGERIEKVEHSDLSFSKDWSFYLLYYTEFTPTEKDEYA
CRVNHVTLSQPKIVKWDRDM
;
B
3 'polypeptide(L)' KRWIILGLNK C
#
# COMPACT_ATOMS: atom_id res chain seq x y z
N GLY A 1 -5.38 12.07 -16.61
CA GLY A 1 -4.18 12.21 -15.79
C GLY A 1 -3.13 11.13 -16.06
N SER A 2 -2.14 11.03 -15.15
CA SER A 2 -1.08 10.01 -15.26
C SER A 2 -1.46 8.73 -14.52
N HIS A 3 -0.96 7.58 -14.99
CA HIS A 3 -1.36 6.31 -14.38
C HIS A 3 -0.18 5.36 -14.19
N SER A 4 -0.37 4.34 -13.35
CA SER A 4 0.65 3.36 -13.08
C SER A 4 0.06 1.93 -13.05
N MET A 5 0.88 0.92 -13.47
CA MET A 5 0.54 -0.47 -13.29
C MET A 5 1.67 -1.08 -12.49
N ARG A 6 1.34 -1.87 -11.45
CA ARG A 6 2.36 -2.48 -10.64
C ARG A 6 1.95 -3.86 -10.25
N TYR A 7 2.92 -4.75 -10.24
CA TYR A 7 2.78 -6.10 -9.70
C TYR A 7 3.67 -6.21 -8.48
N PHE A 8 3.12 -6.72 -7.39
CA PHE A 8 3.84 -6.87 -6.13
C PHE A 8 3.88 -8.35 -5.79
N HIS A 9 4.99 -8.82 -5.24
CA HIS A 9 5.13 -10.24 -4.91
C HIS A 9 5.83 -10.38 -3.58
N THR A 10 5.35 -11.28 -2.71
CA THR A 10 5.96 -11.54 -1.42
C THR A 10 6.04 -13.04 -1.18
N SER A 11 7.27 -13.57 -0.90
CA SER A 11 7.47 -14.95 -0.51
C SER A 11 8.05 -14.92 0.88
N VAL A 12 7.46 -15.71 1.81
CA VAL A 12 7.91 -15.73 3.21
C VAL A 12 8.15 -17.19 3.61
N SER A 13 9.39 -17.53 3.92
CA SER A 13 9.68 -18.90 4.35
C SER A 13 9.27 -19.08 5.81
N ARG A 14 9.01 -20.35 6.18
CA ARG A 14 8.51 -20.63 7.51
C ARG A 14 9.01 -22.02 7.91
N PRO A 15 10.36 -22.20 8.06
CA PRO A 15 10.88 -23.55 8.34
C PRO A 15 10.14 -24.25 9.46
N GLY A 16 9.80 -25.50 9.19
CA GLY A 16 9.06 -26.32 10.15
C GLY A 16 7.56 -26.19 10.02
N ARG A 17 7.10 -25.21 9.20
CA ARG A 17 5.66 -24.96 9.00
C ARG A 17 5.30 -24.99 7.52
N GLY A 18 5.97 -25.89 6.81
CA GLY A 18 5.73 -26.15 5.40
C GLY A 18 6.57 -25.28 4.48
N GLU A 19 6.07 -25.09 3.26
CA GLU A 19 6.80 -24.35 2.23
C GLU A 19 6.44 -22.89 2.32
N PRO A 20 7.24 -22.01 1.66
CA PRO A 20 6.96 -20.56 1.75
C PRO A 20 5.57 -20.17 1.28
N ARG A 21 5.01 -19.17 1.93
CA ARG A 21 3.72 -18.63 1.45
C ARG A 21 4.04 -17.56 0.45
N PHE A 22 3.35 -17.59 -0.67
CA PHE A 22 3.53 -16.64 -1.78
C PHE A 22 2.23 -15.88 -2.03
N ILE A 23 2.30 -14.55 -2.02
CA ILE A 23 1.13 -13.72 -2.36
C ILE A 23 1.57 -12.68 -3.37
N THR A 24 0.82 -12.53 -4.45
CA THR A 24 1.10 -11.46 -5.40
C THR A 24 -0.20 -10.76 -5.72
N VAL A 25 -0.10 -9.46 -5.93
CA VAL A 25 -1.27 -8.62 -6.27
C VAL A 25 -0.87 -7.67 -7.37
N GLY A 26 -1.84 -7.29 -8.17
CA GLY A 26 -1.63 -6.32 -9.25
C GLY A 26 -2.50 -5.11 -9.01
N TYR A 27 -1.96 -3.93 -9.29
CA TYR A 27 -2.69 -2.67 -9.13
C TYR A 27 -2.60 -1.82 -10.38
N VAL A 28 -3.67 -1.06 -10.68
CA VAL A 28 -3.63 0.05 -11.64
C VAL A 28 -3.93 1.22 -10.69
N ASP A 29 -2.93 2.13 -10.53
CA ASP A 29 -3.01 3.24 -9.57
C ASP A 29 -3.32 2.60 -8.20
N ASP A 30 -4.36 3.05 -7.50
CA ASP A 30 -4.70 2.51 -6.19
C ASP A 30 -5.85 1.52 -6.23
N THR A 31 -6.10 0.90 -7.41
CA THR A 31 -7.13 -0.12 -7.54
C THR A 31 -6.48 -1.53 -7.73
N LEU A 32 -6.77 -2.46 -6.79
CA LEU A 32 -6.29 -3.83 -6.93
C LEU A 32 -7.13 -4.51 -8.02
N PHE A 33 -6.49 -5.19 -8.97
CA PHE A 33 -7.28 -5.84 -10.02
C PHE A 33 -7.09 -7.33 -10.09
N VAL A 34 -5.98 -7.87 -9.53
CA VAL A 34 -5.74 -9.29 -9.49
C VAL A 34 -5.02 -9.64 -8.20
N ARG A 35 -5.24 -10.88 -7.72
CA ARG A 35 -4.52 -11.42 -6.58
C ARG A 35 -4.35 -12.93 -6.78
N PHE A 36 -3.25 -13.44 -6.25
CA PHE A 36 -2.93 -14.85 -6.25
C PHE A 36 -2.36 -15.10 -4.87
N ASP A 37 -2.83 -16.16 -4.20
CA ASP A 37 -2.33 -16.55 -2.89
C ASP A 37 -2.10 -18.07 -2.95
N SER A 38 -0.84 -18.50 -2.72
CA SER A 38 -0.47 -19.92 -2.73
C SER A 38 -1.24 -20.73 -1.68
N ASP A 39 -1.75 -20.08 -0.61
CA ASP A 39 -2.40 -20.79 0.48
C ASP A 39 -3.92 -20.70 0.43
N ALA A 40 -4.44 -20.20 -0.71
CA ALA A 40 -5.89 -20.10 -0.94
C ALA A 40 -6.50 -21.49 -1.17
N ALA A 41 -7.84 -21.59 -1.21
CA ALA A 41 -8.48 -22.89 -1.48
C ALA A 41 -8.14 -23.38 -2.89
N SER A 42 -8.16 -22.46 -3.88
CA SER A 42 -7.84 -22.82 -5.26
C SER A 42 -6.93 -21.71 -5.82
N PRO A 43 -5.62 -21.78 -5.48
CA PRO A 43 -4.69 -20.74 -5.95
C PRO A 43 -4.77 -20.52 -7.45
N ARG A 44 -5.06 -19.28 -7.82
CA ARG A 44 -5.18 -18.86 -9.21
C ARG A 44 -5.05 -17.36 -9.26
N GLU A 45 -4.71 -16.83 -10.44
CA GLU A 45 -4.74 -15.38 -10.66
C GLU A 45 -6.25 -15.04 -10.70
N GLU A 46 -6.73 -14.38 -9.65
CA GLU A 46 -8.13 -14.07 -9.49
C GLU A 46 -8.44 -12.63 -9.85
N PRO A 47 -9.39 -12.42 -10.79
CA PRO A 47 -9.78 -11.04 -11.12
C PRO A 47 -10.54 -10.42 -9.96
N ARG A 48 -10.22 -9.19 -9.62
CA ARG A 48 -10.81 -8.45 -8.48
C ARG A 48 -11.48 -7.16 -8.87
N ALA A 49 -11.56 -6.89 -10.17
CA ALA A 49 -12.24 -5.68 -10.65
C ALA A 49 -13.16 -6.06 -11.79
N PRO A 50 -14.36 -5.44 -11.86
CA PRO A 50 -15.30 -5.81 -12.93
C PRO A 50 -14.76 -5.68 -14.36
N TRP A 51 -13.92 -4.67 -14.60
CA TRP A 51 -13.37 -4.36 -15.93
C TRP A 51 -12.33 -5.36 -16.43
N ILE A 52 -11.78 -6.22 -15.55
CA ILE A 52 -10.81 -7.22 -15.98
C ILE A 52 -11.49 -8.58 -16.18
N GLU A 53 -12.72 -8.76 -15.66
CA GLU A 53 -13.45 -10.01 -15.76
C GLU A 53 -13.70 -10.47 -17.23
N GLN A 54 -13.70 -9.52 -18.19
CA GLN A 54 -13.90 -9.78 -19.62
C GLN A 54 -12.72 -10.46 -20.35
N GLU A 55 -11.54 -10.61 -19.70
CA GLU A 55 -10.35 -11.17 -20.34
C GLU A 55 -10.45 -12.65 -20.76
N GLY A 56 -11.28 -13.42 -20.10
CA GLY A 56 -11.44 -14.82 -20.50
C GLY A 56 -10.54 -15.80 -19.80
N PRO A 57 -10.97 -17.10 -19.72
CA PRO A 57 -10.23 -18.11 -18.93
C PRO A 57 -8.83 -18.47 -19.38
N GLU A 58 -8.53 -18.37 -20.68
CA GLU A 58 -7.22 -18.66 -21.28
C GLU A 58 -6.22 -17.66 -20.73
N HIS A 59 -6.63 -16.38 -20.64
CA HIS A 59 -5.81 -15.32 -20.06
C HIS A 59 -5.53 -15.65 -18.60
N TRP A 60 -6.57 -16.06 -17.83
CA TRP A 60 -6.36 -16.37 -16.42
C TRP A 60 -5.47 -17.58 -16.22
N ASP A 61 -5.55 -18.58 -17.12
CA ASP A 61 -4.69 -19.76 -17.08
C ASP A 61 -3.22 -19.32 -17.26
N ARG A 62 -2.95 -18.44 -18.25
CA ARG A 62 -1.61 -17.94 -18.52
C ARG A 62 -1.10 -17.18 -17.28
N GLU A 63 -1.89 -16.25 -16.76
CA GLU A 63 -1.45 -15.45 -15.60
C GLU A 63 -1.21 -16.34 -14.39
N THR A 64 -2.09 -17.36 -14.17
CA THR A 64 -1.93 -18.31 -13.08
C THR A 64 -0.59 -19.04 -13.23
N GLN A 65 -0.29 -19.52 -14.45
CA GLN A 65 0.98 -20.23 -14.72
C GLN A 65 2.17 -19.31 -14.32
N ILE A 66 2.09 -18.00 -14.64
CA ILE A 66 3.20 -17.07 -14.33
C ILE A 66 3.37 -16.95 -12.84
N CYS A 67 2.24 -16.85 -12.11
CA CYS A 67 2.27 -16.79 -10.64
C CYS A 67 2.90 -18.01 -10.05
N LYS A 68 2.46 -19.20 -10.52
CA LYS A 68 3.00 -20.46 -9.97
C LYS A 68 4.51 -20.58 -10.26
N ALA A 69 4.99 -20.11 -11.46
CA ALA A 69 6.42 -20.18 -11.82
C ALA A 69 7.24 -19.27 -10.87
N LYS A 70 6.70 -18.08 -10.57
CA LYS A 70 7.35 -17.10 -9.67
C LYS A 70 7.39 -17.66 -8.22
N ALA A 71 6.31 -18.31 -7.76
CA ALA A 71 6.35 -18.90 -6.42
C ALA A 71 7.50 -19.93 -6.35
N GLN A 72 7.64 -20.77 -7.43
CA GLN A 72 8.70 -21.78 -7.48
C GLN A 72 10.11 -21.14 -7.54
N THR A 73 10.29 -20.11 -8.38
CA THR A 73 11.58 -19.39 -8.48
C THR A 73 11.92 -18.80 -7.10
N ASP A 74 10.94 -18.24 -6.39
CA ASP A 74 11.20 -17.67 -5.08
C ASP A 74 11.62 -18.74 -4.09
N ARG A 75 11.04 -19.96 -4.14
CA ARG A 75 11.45 -20.99 -3.20
C ARG A 75 12.94 -21.26 -3.43
N GLU A 76 13.33 -21.40 -4.72
CA GLU A 76 14.75 -21.65 -5.08
C GLU A 76 15.63 -20.50 -4.62
N ASP A 77 15.19 -19.26 -4.87
CA ASP A 77 15.94 -18.07 -4.46
C ASP A 77 16.08 -17.88 -2.97
N LEU A 78 15.05 -18.29 -2.17
CA LEU A 78 15.19 -18.17 -0.71
C LEU A 78 16.29 -19.09 -0.25
N ARG A 79 16.44 -20.26 -0.89
CA ARG A 79 17.52 -21.17 -0.50
C ARG A 79 18.88 -20.58 -0.92
N THR A 80 18.94 -20.02 -2.14
CA THR A 80 20.17 -19.41 -2.64
C THR A 80 20.64 -18.29 -1.72
N LEU A 81 19.74 -17.40 -1.35
CA LEU A 81 20.12 -16.26 -0.52
C LEU A 81 20.56 -16.66 0.89
N LEU A 82 20.11 -17.85 1.44
CA LEU A 82 20.65 -18.31 2.72
C LEU A 82 22.14 -18.57 2.53
N ARG A 83 22.52 -19.15 1.37
CA ARG A 83 23.92 -19.42 1.05
C ARG A 83 24.68 -18.10 0.89
N TYR A 84 24.14 -17.14 0.10
CA TYR A 84 24.85 -15.86 -0.15
C TYR A 84 25.09 -15.07 1.14
N TYR A 85 24.20 -15.20 2.14
CA TYR A 85 24.38 -14.42 3.38
C TYR A 85 24.89 -15.26 4.54
N ASN A 86 25.30 -16.52 4.24
CA ASN A 86 25.87 -17.43 5.23
C ASN A 86 24.89 -17.63 6.40
N GLN A 87 23.59 -17.76 6.09
CA GLN A 87 22.55 -17.85 7.14
C GLN A 87 22.14 -19.26 7.50
N SER A 88 21.64 -19.43 8.73
CA SER A 88 21.06 -20.69 9.24
C SER A 88 19.82 -21.01 8.38
N GLU A 89 19.52 -22.29 8.13
CA GLU A 89 18.34 -22.66 7.36
C GLU A 89 17.08 -22.66 8.25
N ALA A 90 17.24 -22.35 9.57
CA ALA A 90 16.20 -22.38 10.59
C ALA A 90 15.24 -21.18 10.65
N GLY A 91 15.72 -20.00 10.24
CA GLY A 91 14.97 -18.76 10.31
C GLY A 91 14.02 -18.49 9.16
N SER A 92 13.06 -17.60 9.39
CA SER A 92 12.10 -17.17 8.38
C SER A 92 12.70 -15.95 7.66
N HIS A 93 12.55 -15.94 6.35
CA HIS A 93 13.04 -14.88 5.49
C HIS A 93 12.00 -14.46 4.50
N THR A 94 12.16 -13.26 3.96
CA THR A 94 11.19 -12.68 3.03
C THR A 94 11.87 -12.23 1.75
N LEU A 95 11.28 -12.57 0.61
CA LEU A 95 11.71 -12.05 -0.69
C LEU A 95 10.54 -11.28 -1.28
N GLN A 96 10.82 -10.05 -1.72
CA GLN A 96 9.80 -9.20 -2.34
C GLN A 96 10.28 -8.72 -3.70
N ASN A 97 9.34 -8.56 -4.62
CA ASN A 97 9.64 -7.99 -5.91
C ASN A 97 8.48 -7.11 -6.33
N MET A 98 8.81 -5.98 -6.96
CA MET A 98 7.79 -5.13 -7.55
C MET A 98 8.26 -4.79 -8.96
N TYR A 99 7.35 -4.71 -9.94
CA TYR A 99 7.70 -4.23 -11.28
C TYR A 99 6.51 -3.56 -11.88
N GLY A 100 6.75 -2.74 -12.89
CA GLY A 100 5.65 -2.09 -13.58
C GLY A 100 6.04 -0.81 -14.28
N CYS A 101 5.03 -0.05 -14.69
CA CYS A 101 5.27 1.11 -15.51
C CYS A 101 4.36 2.27 -15.16
N ASP A 102 4.87 3.48 -15.38
CA ASP A 102 4.09 4.68 -15.21
C ASP A 102 3.92 5.26 -16.59
N VAL A 103 2.73 5.80 -16.87
CA VAL A 103 2.42 6.46 -18.15
C VAL A 103 1.82 7.83 -17.87
N GLY A 104 2.06 8.78 -18.79
CA GLY A 104 1.49 10.11 -18.68
C GLY A 104 0.10 10.17 -19.30
N PRO A 105 -0.56 11.36 -19.32
CA PRO A 105 -1.92 11.46 -19.91
C PRO A 105 -2.03 11.03 -21.38
N ASP A 106 -0.90 11.02 -22.11
CA ASP A 106 -0.86 10.55 -23.52
C ASP A 106 -0.64 9.01 -23.63
N GLY A 107 -0.47 8.33 -22.51
CA GLY A 107 -0.23 6.90 -22.50
C GLY A 107 1.20 6.49 -22.79
N ARG A 108 2.13 7.48 -22.89
CA ARG A 108 3.54 7.25 -23.15
C ARG A 108 4.27 6.93 -21.87
N LEU A 109 5.27 6.06 -21.96
CA LEU A 109 6.07 5.63 -20.82
C LEU A 109 6.80 6.79 -20.15
N LEU A 110 6.52 6.96 -18.86
CA LEU A 110 7.21 7.95 -18.07
C LEU A 110 8.43 7.27 -17.41
N ARG A 111 8.22 6.07 -16.83
CA ARG A 111 9.24 5.32 -16.10
C ARG A 111 8.84 3.85 -15.98
N GLY A 112 9.84 2.97 -15.99
CA GLY A 112 9.70 1.53 -15.75
C GLY A 112 10.39 1.17 -14.47
N TYR A 113 9.97 0.05 -13.84
CA TYR A 113 10.54 -0.35 -12.54
C TYR A 113 10.63 -1.86 -12.46
N HIS A 114 11.67 -2.35 -11.80
CA HIS A 114 11.81 -3.74 -11.44
C HIS A 114 12.80 -3.79 -10.31
N GLN A 115 12.33 -4.14 -9.12
CA GLN A 115 13.22 -4.14 -7.97
C GLN A 115 12.88 -5.20 -6.97
N ASP A 116 13.90 -5.64 -6.23
CA ASP A 116 13.80 -6.75 -5.29
C ASP A 116 14.38 -6.41 -3.97
N ALA A 117 13.80 -7.02 -2.92
CA ALA A 117 14.28 -6.83 -1.55
C ALA A 117 14.34 -8.15 -0.85
N TYR A 118 15.33 -8.29 0.04
CA TYR A 118 15.42 -9.50 0.85
C TYR A 118 15.38 -9.06 2.32
N ASP A 119 14.47 -9.69 3.11
CA ASP A 119 14.28 -9.31 4.51
C ASP A 119 14.05 -7.82 4.69
N GLY A 120 13.26 -7.27 3.75
CA GLY A 120 12.85 -5.87 3.80
C GLY A 120 13.86 -4.83 3.39
N LYS A 121 15.03 -5.27 2.92
CA LYS A 121 16.12 -4.39 2.52
C LYS A 121 16.37 -4.50 1.04
N ASP A 122 16.72 -3.39 0.35
CA ASP A 122 17.03 -3.47 -1.08
C ASP A 122 18.03 -4.57 -1.36
N TYR A 123 17.75 -5.34 -2.41
CA TYR A 123 18.65 -6.39 -2.85
C TYR A 123 19.24 -5.98 -4.20
N ILE A 124 18.40 -5.94 -5.27
CA ILE A 124 18.87 -5.53 -6.59
C ILE A 124 17.74 -4.75 -7.27
N ALA A 125 18.06 -3.69 -8.02
CA ALA A 125 17.03 -2.86 -8.65
C ALA A 125 17.45 -2.49 -10.05
N LEU A 126 16.49 -2.53 -10.98
CA LEU A 126 16.75 -2.04 -12.31
C LEU A 126 16.75 -0.52 -12.20
N ASN A 127 17.80 0.11 -12.73
CA ASN A 127 17.90 1.57 -12.77
C ASN A 127 16.89 2.18 -13.74
N GLU A 128 16.68 3.50 -13.63
CA GLU A 128 15.72 4.21 -14.47
C GLU A 128 16.00 4.06 -15.99
N ASP A 129 17.28 3.88 -16.35
CA ASP A 129 17.68 3.69 -17.75
C ASP A 129 17.17 2.37 -18.31
N LEU A 130 16.69 1.44 -17.44
CA LEU A 130 16.22 0.12 -17.84
C LEU A 130 17.32 -0.69 -18.53
N SER A 131 18.58 -0.33 -18.24
N SER A 131 18.57 -0.38 -18.19
CA SER A 131 19.76 -0.95 -18.84
CA SER A 131 19.73 -1.05 -18.77
C SER A 131 20.86 -1.35 -17.86
C SER A 131 20.69 -1.54 -17.73
N SER A 132 20.86 -0.76 -16.65
CA SER A 132 21.83 -1.09 -15.58
C SER A 132 21.16 -1.42 -14.25
N TRP A 133 21.95 -2.06 -13.35
CA TRP A 133 21.49 -2.54 -12.05
C TRP A 133 22.16 -1.84 -10.88
N THR A 134 21.40 -1.63 -9.82
CA THR A 134 21.94 -1.20 -8.52
C THR A 134 21.86 -2.45 -7.62
N ALA A 135 23.01 -3.01 -7.27
CA ALA A 135 23.12 -4.18 -6.38
C ALA A 135 23.46 -3.63 -5.01
N ALA A 136 22.69 -3.99 -3.96
CA ALA A 136 22.91 -3.38 -2.66
C ALA A 136 24.18 -3.80 -1.93
N ASP A 137 24.71 -4.96 -2.28
CA ASP A 137 25.81 -5.55 -1.51
C ASP A 137 26.50 -6.60 -2.35
N THR A 138 27.55 -7.28 -1.80
CA THR A 138 28.27 -8.27 -2.59
C THR A 138 27.47 -9.52 -2.94
N ALA A 139 26.40 -9.86 -2.14
CA ALA A 139 25.55 -11.01 -2.50
C ALA A 139 24.76 -10.63 -3.77
N ALA A 140 24.14 -9.44 -3.77
CA ALA A 140 23.38 -8.99 -4.94
C ALA A 140 24.22 -8.80 -6.19
N GLN A 141 25.55 -8.56 -6.01
CA GLN A 141 26.45 -8.47 -7.16
C GLN A 141 26.57 -9.85 -7.81
N ILE A 142 26.43 -10.95 -7.02
CA ILE A 142 26.43 -12.28 -7.64
C ILE A 142 25.21 -12.39 -8.57
N THR A 143 24.01 -11.98 -8.09
CA THR A 143 22.82 -11.99 -8.94
C THR A 143 23.01 -11.06 -10.17
N GLN A 144 23.56 -9.86 -9.95
CA GLN A 144 23.81 -8.91 -11.02
C GLN A 144 24.62 -9.58 -12.14
N ARG A 145 25.73 -10.26 -11.76
CA ARG A 145 26.58 -10.99 -12.68
C ARG A 145 25.74 -12.00 -13.48
N LYS A 146 24.84 -12.80 -12.80
CA LYS A 146 24.02 -13.76 -13.53
C LYS A 146 23.07 -13.09 -14.48
N TRP A 147 22.46 -11.99 -14.03
CA TRP A 147 21.45 -11.28 -14.82
C TRP A 147 22.06 -10.51 -16.01
N GLU A 148 23.28 -10.00 -15.85
CA GLU A 148 24.02 -9.32 -16.95
C GLU A 148 24.48 -10.33 -18.00
N ALA A 149 24.67 -11.59 -17.57
CA ALA A 149 25.08 -12.70 -18.45
C ALA A 149 23.87 -13.22 -19.24
N ALA A 150 22.66 -13.25 -18.62
CA ALA A 150 21.40 -13.72 -19.20
C ALA A 150 20.60 -12.62 -19.92
N ARG A 151 21.19 -11.41 -20.05
CA ARG A 151 20.60 -10.24 -20.71
C ARG A 151 19.16 -9.93 -20.19
N VAL A 152 18.98 -10.05 -18.85
CA VAL A 152 17.72 -9.79 -18.18
C VAL A 152 17.21 -8.36 -18.40
N ALA A 153 18.11 -7.35 -18.22
CA ALA A 153 17.69 -5.95 -18.39
C ALA A 153 17.06 -5.67 -19.74
N GLU A 154 17.67 -6.20 -20.84
CA GLU A 154 17.14 -6.03 -22.20
C GLU A 154 15.72 -6.62 -22.34
N GLN A 155 15.50 -7.81 -21.73
CA GLN A 155 14.19 -8.46 -21.81
C GLN A 155 13.18 -7.66 -21.01
N LEU A 156 13.58 -7.14 -19.84
CA LEU A 156 12.74 -6.31 -18.99
C LEU A 156 12.35 -5.01 -19.68
N ARG A 157 13.35 -4.31 -20.27
CA ARG A 157 13.08 -3.07 -20.98
C ARG A 157 12.02 -3.28 -22.06
N ALA A 158 12.12 -4.40 -22.82
CA ALA A 158 11.14 -4.65 -23.90
C ALA A 158 9.72 -4.88 -23.33
N TYR A 159 9.61 -5.52 -22.16
CA TYR A 159 8.29 -5.68 -21.54
C TYR A 159 7.81 -4.32 -21.03
N LEU A 160 8.66 -3.62 -20.27
CA LEU A 160 8.24 -2.34 -19.66
C LEU A 160 7.83 -1.28 -20.69
N GLU A 161 8.54 -1.22 -21.84
CA GLU A 161 8.18 -0.25 -22.88
C GLU A 161 7.09 -0.76 -23.81
N GLY A 162 6.80 -2.05 -23.79
CA GLY A 162 5.84 -2.67 -24.68
C GLY A 162 4.58 -3.13 -24.01
N GLU A 163 4.51 -4.41 -23.67
CA GLU A 163 3.33 -5.02 -23.05
C GLU A 163 2.83 -4.27 -21.83
N CYS A 164 3.74 -3.85 -20.94
CA CYS A 164 3.32 -3.10 -19.74
C CYS A 164 2.50 -1.88 -20.12
N VAL A 165 3.02 -1.02 -20.99
CA VAL A 165 2.30 0.19 -21.38
C VAL A 165 1.03 -0.14 -22.18
N GLU A 166 1.11 -1.15 -23.08
N GLU A 166 1.09 -1.15 -23.07
CA GLU A 166 -0.02 -1.53 -23.93
CA GLU A 166 -0.06 -1.51 -23.89
C GLU A 166 -1.20 -2.06 -23.11
C GLU A 166 -1.21 -2.05 -23.07
N TRP A 167 -0.92 -2.92 -22.11
CA TRP A 167 -1.95 -3.49 -21.26
C TRP A 167 -2.46 -2.48 -20.27
N LEU A 168 -1.58 -1.61 -19.74
CA LEU A 168 -2.11 -0.57 -18.86
C LEU A 168 -3.11 0.30 -19.68
N ARG A 169 -2.75 0.66 -20.93
CA ARG A 169 -3.66 1.44 -21.80
C ARG A 169 -5.02 0.72 -21.97
N ARG A 170 -4.99 -0.59 -22.17
CA ARG A 170 -6.17 -1.43 -22.38
C ARG A 170 -7.03 -1.47 -21.12
N TYR A 171 -6.40 -1.63 -19.95
CA TYR A 171 -7.13 -1.64 -18.69
C TYR A 171 -7.75 -0.26 -18.39
N LEU A 172 -7.03 0.83 -18.66
CA LEU A 172 -7.56 2.17 -18.45
C LEU A 172 -8.79 2.42 -19.30
N GLU A 173 -8.80 1.87 -20.53
CA GLU A 173 -9.96 2.03 -21.40
C GLU A 173 -11.12 1.17 -20.92
N ASN A 174 -10.87 -0.12 -20.69
CA ASN A 174 -11.88 -1.05 -20.22
C ASN A 174 -12.50 -0.65 -18.85
N GLY A 175 -11.68 -0.03 -17.99
CA GLY A 175 -12.11 0.46 -16.68
C GLY A 175 -12.24 1.96 -16.58
N LYS A 176 -12.44 2.67 -17.72
CA LYS A 176 -12.49 4.14 -17.74
C LYS A 176 -13.49 4.75 -16.74
N GLU A 177 -14.64 4.08 -16.46
CA GLU A 177 -15.66 4.52 -15.50
CA GLU A 177 -15.64 4.62 -15.52
C GLU A 177 -15.04 4.85 -14.15
N THR A 178 -14.12 3.99 -13.71
CA THR A 178 -13.51 4.12 -12.40
C THR A 178 -12.04 4.54 -12.47
N LEU A 179 -11.25 3.83 -13.25
CA LEU A 179 -9.81 4.10 -13.29
C LEU A 179 -9.52 5.49 -13.76
N GLN A 180 -10.43 6.06 -14.59
CA GLN A 180 -10.20 7.38 -15.14
C GLN A 180 -11.11 8.45 -14.51
N ARG A 181 -11.67 8.12 -13.35
CA ARG A 181 -12.44 9.07 -12.59
C ARG A 181 -11.66 9.40 -11.31
N ALA A 182 -11.47 10.67 -11.05
CA ALA A 182 -10.85 11.14 -9.82
C ALA A 182 -11.98 11.67 -8.94
N ASP A 183 -12.04 11.19 -7.68
CA ASP A 183 -13.05 11.66 -6.72
C ASP A 183 -12.37 12.68 -5.81
N PRO A 184 -12.75 13.96 -5.92
CA PRO A 184 -12.08 14.97 -5.10
C PRO A 184 -12.32 14.76 -3.62
N PRO A 185 -11.41 15.31 -2.77
CA PRO A 185 -11.65 15.20 -1.34
C PRO A 185 -12.81 16.08 -0.85
N LYS A 186 -13.50 15.58 0.15
CA LYS A 186 -14.51 16.30 0.91
C LYS A 186 -13.72 16.87 2.08
N THR A 187 -13.69 18.20 2.24
CA THR A 187 -12.80 18.82 3.21
C THR A 187 -13.48 19.64 4.24
N HIS A 188 -12.91 19.63 5.44
CA HIS A 188 -13.37 20.46 6.55
C HIS A 188 -12.27 20.61 7.58
N VAL A 189 -12.41 21.62 8.44
CA VAL A 189 -11.46 21.91 9.50
C VAL A 189 -12.19 21.77 10.84
N THR A 190 -11.58 21.04 11.80
CA THR A 190 -12.12 20.93 13.14
C THR A 190 -11.17 21.67 14.11
N HIS A 191 -11.71 22.10 15.24
CA HIS A 191 -10.98 22.85 16.25
C HIS A 191 -11.13 22.10 17.57
N HIS A 192 -10.00 21.90 18.27
CA HIS A 192 -9.99 21.18 19.54
C HIS A 192 -9.10 21.93 20.54
N PRO A 193 -9.68 22.69 21.52
CA PRO A 193 -8.85 23.38 22.52
C PRO A 193 -7.95 22.39 23.30
N ILE A 194 -6.66 22.75 23.50
CA ILE A 194 -5.69 21.89 24.20
C ILE A 194 -5.57 22.35 25.65
N SER A 195 -5.40 23.66 25.82
CA SER A 195 -5.22 24.32 27.12
C SER A 195 -5.94 25.67 27.08
N ASP A 196 -5.68 26.54 28.08
CA ASP A 196 -6.24 27.90 28.09
C ASP A 196 -5.61 28.69 26.93
N HIS A 197 -4.41 28.28 26.43
CA HIS A 197 -3.68 29.15 25.51
C HIS A 197 -3.31 28.53 24.14
N GLU A 198 -3.72 27.30 23.89
CA GLU A 198 -3.46 26.62 22.61
C GLU A 198 -4.65 25.82 22.18
N ALA A 199 -4.73 25.51 20.87
CA ALA A 199 -5.76 24.66 20.31
C ALA A 199 -5.22 23.99 19.07
N THR A 200 -5.84 22.88 18.70
CA THR A 200 -5.47 22.13 17.52
C THR A 200 -6.44 22.44 16.42
N LEU A 201 -5.90 22.70 15.24
CA LEU A 201 -6.73 22.84 14.04
C LEU A 201 -6.40 21.59 13.24
N ARG A 202 -7.41 20.86 12.81
CA ARG A 202 -7.19 19.63 12.03
C ARG A 202 -7.92 19.76 10.72
N CYS A 203 -7.19 19.63 9.63
CA CYS A 203 -7.71 19.73 8.29
C CYS A 203 -7.95 18.35 7.77
N TRP A 204 -9.19 18.05 7.45
CA TRP A 204 -9.63 16.73 6.97
C TRP A 204 -9.85 16.67 5.48
N ALA A 205 -9.53 15.52 4.90
CA ALA A 205 -9.79 15.20 3.51
C ALA A 205 -10.32 13.79 3.50
N LEU A 206 -11.57 13.62 3.00
CA LEU A 206 -12.25 12.34 2.99
C LEU A 206 -12.79 12.00 1.61
N GLY A 207 -12.94 10.73 1.34
CA GLY A 207 -13.59 10.24 0.12
C GLY A 207 -12.91 10.51 -1.19
N PHE A 208 -11.57 10.66 -1.18
CA PHE A 208 -10.86 10.93 -2.40
C PHE A 208 -10.20 9.72 -3.05
N TYR A 209 -10.07 9.79 -4.36
CA TYR A 209 -9.39 8.81 -5.16
C TYR A 209 -8.77 9.54 -6.35
N PRO A 210 -7.51 9.27 -6.74
CA PRO A 210 -6.57 8.30 -6.13
C PRO A 210 -6.03 8.78 -4.79
N ALA A 211 -5.17 7.93 -4.16
CA ALA A 211 -4.65 8.27 -2.84
C ALA A 211 -3.78 9.52 -2.76
N GLU A 212 -3.02 9.83 -3.83
CA GLU A 212 -2.09 10.97 -3.87
C GLU A 212 -2.83 12.23 -3.53
N ILE A 213 -2.34 12.95 -2.51
CA ILE A 213 -2.95 14.20 -2.05
C ILE A 213 -1.87 14.99 -1.31
N THR A 214 -2.03 16.33 -1.27
CA THR A 214 -1.16 17.16 -0.43
C THR A 214 -2.02 18.06 0.41
N LEU A 215 -1.85 17.97 1.74
CA LEU A 215 -2.53 18.81 2.73
C LEU A 215 -1.45 19.59 3.42
N THR A 216 -1.55 20.91 3.37
CA THR A 216 -0.57 21.75 4.01
C THR A 216 -1.26 22.80 4.84
N TRP A 217 -0.65 23.22 5.95
CA TRP A 217 -1.11 24.35 6.73
C TRP A 217 -0.18 25.53 6.51
N GLN A 218 -0.78 26.71 6.27
CA GLN A 218 -0.04 27.96 6.19
C GLN A 218 -0.44 28.85 7.39
N ARG A 219 0.54 29.53 8.00
CA ARG A 219 0.29 30.55 9.02
C ARG A 219 0.78 31.86 8.34
N ASP A 220 -0.12 32.85 8.20
CA ASP A 220 0.18 34.10 7.51
C ASP A 220 0.76 33.88 6.11
N GLY A 221 0.28 32.84 5.41
CA GLY A 221 0.72 32.55 4.04
C GLY A 221 2.05 31.84 3.89
N GLU A 222 2.63 31.37 5.02
CA GLU A 222 3.91 30.66 5.06
C GLU A 222 3.65 29.18 5.42
N ASP A 223 4.21 28.22 4.62
CA ASP A 223 4.06 26.79 4.91
C ASP A 223 4.59 26.45 6.30
N GLN A 224 3.80 25.68 7.05
CA GLN A 224 4.12 25.23 8.41
C GLN A 224 4.61 23.76 8.38
N THR A 225 5.40 23.41 7.37
CA THR A 225 5.85 22.03 7.14
C THR A 225 6.43 21.38 8.41
N GLN A 226 7.42 22.02 9.03
CA GLN A 226 8.05 21.47 10.23
C GLN A 226 7.11 21.35 11.44
N ASP A 227 6.07 22.20 11.55
CA ASP A 227 5.15 22.16 12.70
C ASP A 227 3.81 21.45 12.43
N THR A 228 3.66 20.83 11.24
CA THR A 228 2.42 20.14 10.91
C THR A 228 2.48 18.64 11.23
N GLU A 229 1.45 18.10 11.88
CA GLU A 229 1.37 16.65 12.12
C GLU A 229 0.54 16.09 10.97
N LEU A 230 1.12 15.19 10.17
CA LEU A 230 0.45 14.55 9.04
C LEU A 230 0.25 13.08 9.34
N VAL A 231 -0.98 12.55 9.20
CA VAL A 231 -1.14 11.12 9.36
C VAL A 231 -0.95 10.54 7.99
N GLU A 232 -0.54 9.29 7.93
CA GLU A 232 -0.41 8.56 6.67
C GLU A 232 -1.81 8.45 6.05
N THR A 233 -1.86 8.67 4.72
CA THR A 233 -3.09 8.51 3.95
C THR A 233 -3.59 7.07 4.20
N ARG A 234 -4.88 6.93 4.49
CA ARG A 234 -5.42 5.63 4.89
C ARG A 234 -6.63 5.23 4.05
N PRO A 235 -6.80 3.92 3.74
CA PRO A 235 -7.95 3.50 2.93
C PRO A 235 -9.26 3.48 3.74
N ALA A 236 -10.35 3.92 3.12
CA ALA A 236 -11.65 3.91 3.76
C ALA A 236 -12.34 2.55 3.66
N GLY A 237 -12.02 1.81 2.57
CA GLY A 237 -12.58 0.49 2.29
C GLY A 237 -13.60 0.50 1.17
N ASP A 238 -13.98 1.69 0.66
CA ASP A 238 -14.97 1.88 -0.43
C ASP A 238 -14.26 2.41 -1.72
N ARG A 239 -12.93 2.13 -1.82
CA ARG A 239 -11.97 2.57 -2.86
C ARG A 239 -11.31 3.88 -2.50
N THR A 240 -11.93 4.67 -1.63
CA THR A 240 -11.43 6.00 -1.35
C THR A 240 -10.44 6.04 -0.22
N PHE A 241 -9.81 7.21 -0.05
CA PHE A 241 -8.80 7.44 0.98
C PHE A 241 -9.17 8.60 1.85
N GLN A 242 -8.47 8.68 2.98
CA GLN A 242 -8.66 9.73 4.00
C GLN A 242 -7.30 10.20 4.46
N LYS A 243 -7.23 11.47 4.90
CA LYS A 243 -5.98 12.01 5.45
C LYS A 243 -6.33 13.20 6.29
N TRP A 244 -5.50 13.52 7.28
CA TRP A 244 -5.66 14.75 8.00
C TRP A 244 -4.30 15.35 8.33
N ALA A 245 -4.25 16.68 8.50
CA ALA A 245 -3.07 17.46 8.89
C ALA A 245 -3.49 18.30 10.05
N ALA A 246 -2.65 18.39 11.08
CA ALA A 246 -3.00 19.17 12.26
C ALA A 246 -1.88 20.10 12.66
N VAL A 247 -2.26 21.26 13.25
CA VAL A 247 -1.31 22.23 13.78
C VAL A 247 -1.77 22.64 15.15
N VAL A 248 -0.80 22.93 16.05
CA VAL A 248 -1.09 23.46 17.38
C VAL A 248 -0.90 24.96 17.28
N VAL A 249 -1.97 25.71 17.55
CA VAL A 249 -1.97 27.15 17.34
C VAL A 249 -2.22 27.93 18.63
N PRO A 250 -1.69 29.17 18.75
CA PRO A 250 -2.04 29.97 19.94
C PRO A 250 -3.52 30.31 19.89
N SER A 251 -4.23 30.12 21.02
CA SER A 251 -5.66 30.43 21.06
C SER A 251 -5.87 31.91 20.64
N GLY A 252 -6.84 32.14 19.76
CA GLY A 252 -7.11 33.48 19.26
C GLY A 252 -6.43 33.79 17.95
N GLU A 253 -5.51 32.91 17.51
CA GLU A 253 -4.82 33.12 16.22
C GLU A 253 -5.36 32.17 15.15
N GLU A 254 -6.47 31.49 15.41
CA GLU A 254 -7.00 30.51 14.45
C GLU A 254 -7.17 31.02 13.04
N GLN A 255 -7.67 32.27 12.84
CA GLN A 255 -7.92 32.78 11.50
C GLN A 255 -6.65 33.14 10.71
N ARG A 256 -5.47 33.05 11.32
CA ARG A 256 -4.19 33.26 10.61
C ARG A 256 -3.75 31.98 9.89
N TYR A 257 -4.43 30.85 10.19
CA TYR A 257 -4.08 29.57 9.61
C TYR A 257 -5.01 29.18 8.51
N THR A 258 -4.43 28.67 7.44
CA THR A 258 -5.17 28.23 6.26
C THR A 258 -4.70 26.87 5.79
N CYS A 259 -5.67 25.99 5.49
CA CYS A 259 -5.33 24.68 5.02
C CYS A 259 -5.44 24.65 3.54
N HIS A 260 -4.43 24.09 2.86
CA HIS A 260 -4.37 24.05 1.42
C HIS A 260 -4.40 22.62 1.00
N VAL A 261 -5.28 22.34 0.01
CA VAL A 261 -5.50 20.98 -0.45
C VAL A 261 -5.25 20.88 -1.94
N GLN A 262 -4.37 19.94 -2.33
CA GLN A 262 -4.04 19.63 -3.72
C GLN A 262 -4.43 18.18 -3.97
N HIS A 263 -5.18 17.95 -5.03
CA HIS A 263 -5.65 16.62 -5.44
C HIS A 263 -6.01 16.67 -6.90
N GLU A 264 -5.77 15.56 -7.64
CA GLU A 264 -6.03 15.56 -9.06
C GLU A 264 -7.51 15.71 -9.43
N GLY A 265 -8.44 15.45 -8.49
CA GLY A 265 -9.87 15.65 -8.73
C GLY A 265 -10.31 17.11 -8.57
N LEU A 266 -9.42 17.94 -8.01
CA LEU A 266 -9.68 19.37 -7.86
C LEU A 266 -9.19 20.15 -9.10
N PRO A 267 -10.02 21.04 -9.70
CA PRO A 267 -9.54 21.81 -10.86
C PRO A 267 -8.43 22.81 -10.48
N LYS A 268 -8.47 23.31 -9.24
CA LYS A 268 -7.50 24.22 -8.68
C LYS A 268 -7.29 23.86 -7.21
N PRO A 269 -6.10 24.16 -6.61
CA PRO A 269 -5.92 23.88 -5.17
C PRO A 269 -6.93 24.66 -4.36
N LEU A 270 -7.39 24.04 -3.30
CA LEU A 270 -8.43 24.52 -2.43
C LEU A 270 -7.82 25.13 -1.16
N THR A 271 -8.43 26.23 -0.64
CA THR A 271 -8.02 26.87 0.61
CA THR A 271 -8.01 26.89 0.60
C THR A 271 -9.20 26.82 1.55
N LEU A 272 -8.96 26.39 2.82
CA LEU A 272 -9.99 26.27 3.83
C LEU A 272 -9.52 26.81 5.18
N ARG A 273 -10.45 27.27 5.99
CA ARG A 273 -10.17 27.79 7.33
C ARG A 273 -11.16 27.24 8.31
N TRP A 274 -10.84 27.38 9.62
CA TRP A 274 -11.76 27.02 10.71
C TRP A 274 -12.94 28.00 10.58
N GLU A 275 -14.15 27.47 10.37
CA GLU A 275 -15.27 28.39 10.14
C GLU A 275 -15.85 28.97 11.46
N PRO A 276 -16.50 28.22 12.37
CA PRO A 276 -17.11 28.90 13.55
C PRO A 276 -16.11 29.32 14.65
N MET B 1 17.68 -9.87 12.81
CA MET B 1 17.59 -8.90 11.72
C MET B 1 16.86 -7.62 12.15
N ILE B 2 17.02 -6.57 11.33
CA ILE B 2 16.37 -5.27 11.53
C ILE B 2 14.91 -5.42 11.12
N GLN B 3 14.00 -5.06 12.04
CA GLN B 3 12.55 -5.20 11.86
C GLN B 3 11.84 -3.87 12.06
N ARG B 4 10.59 -3.76 11.58
CA ARG B 4 9.80 -2.54 11.67
C ARG B 4 8.44 -2.80 12.32
N THR B 5 8.15 -2.01 13.37
CA THR B 5 6.94 -2.15 14.15
C THR B 5 5.75 -1.53 13.41
N PRO B 6 4.55 -2.11 13.49
CA PRO B 6 3.42 -1.50 12.78
C PRO B 6 2.95 -0.14 13.29
N LYS B 7 2.56 0.73 12.35
CA LYS B 7 1.85 1.98 12.65
C LYS B 7 0.39 1.51 12.69
N ILE B 8 -0.46 2.14 13.51
CA ILE B 8 -1.85 1.71 13.64
C ILE B 8 -2.78 2.92 13.62
N GLN B 9 -3.82 2.85 12.81
CA GLN B 9 -4.87 3.86 12.81
C GLN B 9 -6.20 3.14 12.93
N VAL B 10 -7.09 3.62 13.80
CA VAL B 10 -8.43 3.06 13.98
C VAL B 10 -9.44 4.17 13.63
N TYR B 11 -10.36 3.89 12.70
CA TYR B 11 -11.25 4.95 12.22
C TYR B 11 -12.45 4.33 11.52
N SER B 12 -13.43 5.15 11.17
CA SER B 12 -14.58 4.64 10.48
C SER B 12 -14.55 5.03 9.02
N ARG B 13 -15.22 4.22 8.17
CA ARG B 13 -15.31 4.48 6.70
C ARG B 13 -15.95 5.85 6.43
N HIS B 14 -17.03 6.16 7.20
CA HIS B 14 -17.72 7.44 7.08
C HIS B 14 -17.74 8.17 8.41
N PRO B 15 -17.96 9.52 8.47
CA PRO B 15 -18.06 10.18 9.79
C PRO B 15 -19.13 9.48 10.63
N ALA B 16 -18.77 9.16 11.89
CA ALA B 16 -19.63 8.40 12.78
C ALA B 16 -20.92 9.10 13.15
N GLU B 17 -22.04 8.36 13.11
CA GLU B 17 -23.39 8.83 13.49
C GLU B 17 -24.02 7.70 14.32
N ASN B 18 -24.27 7.95 15.62
CA ASN B 18 -24.88 6.93 16.49
C ASN B 18 -26.16 6.35 15.89
N GLY B 19 -26.26 5.02 15.90
CA GLY B 19 -27.39 4.31 15.32
C GLY B 19 -27.38 4.08 13.82
N LYS B 20 -26.37 4.61 13.08
CA LYS B 20 -26.24 4.45 11.62
C LYS B 20 -25.11 3.50 11.26
N SER B 21 -25.38 2.52 10.37
CA SER B 21 -24.44 1.49 9.91
C SER B 21 -23.23 2.08 9.24
N ASN B 22 -22.06 1.57 9.62
CA ASN B 22 -20.77 2.08 9.15
C ASN B 22 -19.75 0.94 9.09
N PHE B 23 -18.48 1.27 8.82
CA PHE B 23 -17.44 0.25 8.83
C PHE B 23 -16.37 0.71 9.76
N LEU B 24 -15.89 -0.20 10.63
CA LEU B 24 -14.81 0.08 11.57
C LEU B 24 -13.56 -0.47 10.93
N ASN B 25 -12.57 0.39 10.78
CA ASN B 25 -11.30 0.08 10.14
C ASN B 25 -10.13 0.11 11.09
N CYS B 26 -9.20 -0.80 10.89
CA CYS B 26 -7.92 -0.75 11.56
C CYS B 26 -6.89 -0.92 10.47
N TYR B 27 -6.14 0.13 10.21
CA TYR B 27 -5.11 0.10 9.18
C TYR B 27 -3.76 -0.05 9.82
N VAL B 28 -3.10 -1.16 9.50
CA VAL B 28 -1.76 -1.43 10.03
C VAL B 28 -0.79 -1.29 8.87
N SER B 29 0.31 -0.60 9.08
CA SER B 29 1.23 -0.31 8.00
C SER B 29 2.66 -0.10 8.50
N GLY B 30 3.60 -0.02 7.57
CA GLY B 30 4.99 0.26 7.89
C GLY B 30 5.70 -0.83 8.67
N PHE B 31 5.18 -2.08 8.68
CA PHE B 31 5.77 -3.18 9.43
C PHE B 31 6.56 -4.19 8.60
N HIS B 32 7.53 -4.84 9.25
CA HIS B 32 8.32 -5.89 8.61
C HIS B 32 8.86 -6.74 9.77
N PRO B 33 8.72 -8.08 9.74
CA PRO B 33 8.15 -8.95 8.72
C PRO B 33 6.63 -8.81 8.57
N SER B 34 6.06 -9.51 7.58
CA SER B 34 4.66 -9.41 7.22
C SER B 34 3.69 -10.06 8.20
N ASP B 35 4.13 -11.07 8.97
CA ASP B 35 3.16 -11.75 9.85
C ASP B 35 2.72 -10.80 10.95
N ILE B 36 1.42 -10.73 11.18
CA ILE B 36 0.89 -9.79 12.16
C ILE B 36 -0.43 -10.37 12.64
N GLU B 37 -0.83 -10.02 13.85
CA GLU B 37 -2.10 -10.47 14.42
C GLU B 37 -2.92 -9.22 14.70
N VAL B 38 -4.10 -9.12 14.09
CA VAL B 38 -4.96 -7.95 14.27
C VAL B 38 -6.34 -8.39 14.65
N ASP B 39 -6.84 -7.81 15.74
CA ASP B 39 -8.20 -8.03 16.25
C ASP B 39 -8.92 -6.72 16.38
N LEU B 40 -10.23 -6.72 16.11
CA LEU B 40 -11.06 -5.54 16.36
C LEU B 40 -11.86 -5.90 17.58
N LEU B 41 -11.93 -4.99 18.56
CA LEU B 41 -12.63 -5.18 19.84
C LEU B 41 -13.87 -4.32 19.98
N LYS B 42 -14.94 -4.87 20.61
CA LYS B 42 -16.17 -4.16 20.96
C LYS B 42 -16.27 -4.38 22.48
N ASN B 43 -16.11 -3.31 23.26
CA ASN B 43 -16.12 -3.34 24.74
C ASN B 43 -15.13 -4.42 25.30
N GLY B 44 -13.91 -4.38 24.76
CA GLY B 44 -12.81 -5.27 25.12
C GLY B 44 -12.85 -6.68 24.57
N GLU B 45 -13.92 -7.06 23.87
CA GLU B 45 -14.06 -8.40 23.34
C GLU B 45 -13.86 -8.46 21.85
N ARG B 46 -13.22 -9.54 21.38
CA ARG B 46 -12.91 -9.78 19.97
C ARG B 46 -14.14 -9.91 19.11
N ILE B 47 -14.21 -9.09 18.04
CA ILE B 47 -15.27 -9.17 17.07
C ILE B 47 -15.00 -10.35 16.14
N GLU B 48 -16.00 -11.14 15.86
CA GLU B 48 -15.81 -12.33 15.03
C GLU B 48 -15.81 -12.12 13.52
N LYS B 49 -16.73 -11.32 12.98
CA LYS B 49 -16.75 -11.19 11.53
C LYS B 49 -15.85 -10.05 11.11
N VAL B 50 -14.55 -10.35 10.97
CA VAL B 50 -13.53 -9.35 10.59
C VAL B 50 -12.80 -9.80 9.35
N GLU B 51 -12.83 -8.97 8.30
CA GLU B 51 -12.18 -9.27 7.03
C GLU B 51 -10.90 -8.44 6.90
N HIS B 52 -10.01 -8.84 6.00
CA HIS B 52 -8.79 -8.08 5.79
C HIS B 52 -8.38 -7.99 4.35
N SER B 53 -7.69 -6.92 4.00
CA SER B 53 -7.19 -6.71 2.64
C SER B 53 -6.09 -7.73 2.27
N ASP B 54 -5.74 -7.79 0.98
CA ASP B 54 -4.70 -8.66 0.47
C ASP B 54 -3.32 -8.07 0.78
N LEU B 55 -2.40 -8.89 1.31
CA LEU B 55 -1.05 -8.45 1.64
C LEU B 55 -0.35 -7.69 0.52
N SER B 56 0.03 -6.44 0.82
CA SER B 56 0.78 -5.64 -0.14
CA SER B 56 0.73 -5.60 -0.14
C SER B 56 1.77 -4.79 0.59
N PHE B 57 2.56 -4.04 -0.15
CA PHE B 57 3.62 -3.31 0.50
C PHE B 57 3.91 -2.02 -0.21
N SER B 58 4.58 -1.14 0.53
CA SER B 58 4.89 0.22 0.10
C SER B 58 6.23 0.31 -0.64
N LYS B 59 6.53 1.50 -1.15
CA LYS B 59 7.79 1.75 -1.87
C LYS B 59 9.04 1.36 -1.05
N ASP B 60 8.97 1.52 0.28
CA ASP B 60 10.08 1.19 1.18
C ASP B 60 10.05 -0.28 1.66
N TRP B 61 9.21 -1.13 0.99
CA TRP B 61 9.04 -2.58 1.23
C TRP B 61 8.22 -2.94 2.45
N SER B 62 7.87 -1.94 3.31
CA SER B 62 7.09 -2.26 4.51
C SER B 62 5.65 -2.65 4.13
N PHE B 63 5.02 -3.50 4.91
CA PHE B 63 3.71 -4.05 4.60
C PHE B 63 2.56 -3.24 5.13
N TYR B 64 1.38 -3.45 4.53
CA TYR B 64 0.20 -2.78 5.03
C TYR B 64 -1.00 -3.64 4.78
N LEU B 65 -1.93 -3.57 5.72
CA LEU B 65 -3.18 -4.31 5.71
C LEU B 65 -4.29 -3.48 6.31
N LEU B 66 -5.50 -3.63 5.78
CA LEU B 66 -6.71 -3.03 6.33
C LEU B 66 -7.59 -4.17 6.86
N TYR B 67 -7.90 -4.10 8.14
CA TYR B 67 -8.83 -5.00 8.83
C TYR B 67 -10.11 -4.23 9.03
N TYR B 68 -11.27 -4.85 8.75
CA TYR B 68 -12.49 -4.07 8.81
C TYR B 68 -13.70 -4.92 9.13
N THR B 69 -14.71 -4.30 9.72
CA THR B 69 -15.95 -4.94 10.06
C THR B 69 -17.09 -3.94 9.97
N GLU B 70 -18.28 -4.43 9.60
CA GLU B 70 -19.45 -3.54 9.57
C GLU B 70 -19.93 -3.37 11.00
N PHE B 71 -20.33 -2.16 11.39
CA PHE B 71 -20.84 -1.92 12.72
C PHE B 71 -21.76 -0.73 12.79
N THR B 72 -22.61 -0.72 13.81
CA THR B 72 -23.51 0.38 14.06
C THR B 72 -23.05 1.06 15.35
N PRO B 73 -22.27 2.15 15.25
CA PRO B 73 -21.82 2.84 16.48
C PRO B 73 -22.95 3.34 17.39
N THR B 74 -22.69 3.42 18.69
CA THR B 74 -23.60 3.97 19.70
C THR B 74 -22.78 4.87 20.63
N GLU B 75 -23.43 5.61 21.54
CA GLU B 75 -22.72 6.46 22.49
C GLU B 75 -21.96 5.59 23.51
N LYS B 76 -22.59 4.49 23.95
CA LYS B 76 -22.05 3.61 24.98
C LYS B 76 -20.91 2.71 24.52
N ASP B 77 -21.02 2.10 23.32
CA ASP B 77 -20.02 1.14 22.83
C ASP B 77 -18.67 1.74 22.48
N GLU B 78 -17.62 1.10 23.01
CA GLU B 78 -16.22 1.46 22.82
C GLU B 78 -15.58 0.43 21.93
N TYR B 79 -14.86 0.90 20.92
CA TYR B 79 -14.20 0.00 19.99
C TYR B 79 -12.70 0.23 20.03
N ALA B 80 -11.92 -0.78 19.65
CA ALA B 80 -10.46 -0.70 19.67
C ALA B 80 -9.89 -1.67 18.68
N CYS B 81 -8.59 -1.54 18.40
CA CYS B 81 -7.89 -2.48 17.55
C CYS B 81 -6.70 -3.00 18.37
N ARG B 82 -6.53 -4.31 18.40
CA ARG B 82 -5.48 -4.97 19.15
C ARG B 82 -4.53 -5.63 18.16
N VAL B 83 -3.26 -5.22 18.23
CA VAL B 83 -2.24 -5.67 17.28
C VAL B 83 -1.09 -6.35 17.98
N ASN B 84 -0.66 -7.50 17.44
CA ASN B 84 0.56 -8.16 17.90
C ASN B 84 1.47 -8.38 16.68
N HIS B 85 2.78 -8.32 16.92
CA HIS B 85 3.79 -8.42 15.88
C HIS B 85 5.07 -8.82 16.63
N VAL B 86 6.07 -9.34 15.92
N VAL B 86 6.08 -9.35 15.93
CA VAL B 86 7.34 -9.79 16.49
CA VAL B 86 7.37 -9.77 16.55
C VAL B 86 8.10 -8.63 17.23
C VAL B 86 8.01 -8.60 17.32
N THR B 87 7.90 -7.36 16.78
CA THR B 87 8.49 -6.16 17.38
C THR B 87 7.83 -5.74 18.68
N LEU B 88 6.68 -6.34 19.02
CA LEU B 88 5.93 -6.01 20.22
C LEU B 88 5.99 -7.15 21.25
N SER B 89 6.41 -6.79 22.47
CA SER B 89 6.51 -7.72 23.61
CA SER B 89 6.52 -7.71 23.62
C SER B 89 5.14 -8.18 24.07
N GLN B 90 4.09 -7.32 23.90
CA GLN B 90 2.70 -7.62 24.26
C GLN B 90 1.74 -7.00 23.23
N PRO B 91 0.49 -7.50 23.08
CA PRO B 91 -0.45 -6.86 22.14
C PRO B 91 -0.65 -5.37 22.43
N LYS B 92 -0.65 -4.57 21.37
CA LYS B 92 -0.82 -3.12 21.46
C LYS B 92 -2.31 -2.83 21.19
N ILE B 93 -2.94 -2.00 22.05
CA ILE B 93 -4.37 -1.66 21.88
C ILE B 93 -4.54 -0.20 21.55
N VAL B 94 -5.14 0.09 20.38
CA VAL B 94 -5.43 1.48 19.99
C VAL B 94 -6.95 1.69 19.99
N LYS B 95 -7.44 2.59 20.84
CA LYS B 95 -8.88 2.86 20.95
C LYS B 95 -9.43 3.62 19.75
N TRP B 96 -10.70 3.39 19.42
CA TRP B 96 -11.33 4.15 18.37
C TRP B 96 -11.79 5.50 18.93
N ASP B 97 -11.21 6.58 18.40
CA ASP B 97 -11.58 7.95 18.75
C ASP B 97 -12.27 8.49 17.49
N ARG B 98 -13.60 8.74 17.53
CA ARG B 98 -14.35 9.17 16.35
C ARG B 98 -13.88 10.52 15.74
N ASP B 99 -12.89 11.19 16.37
CA ASP B 99 -12.33 12.45 15.88
C ASP B 99 -10.86 12.32 15.41
N MET B 100 -10.38 11.07 15.15
CA MET B 100 -9.01 10.84 14.71
C MET B 100 -8.86 10.03 13.39
N LYS C 1 -1.12 -7.25 -17.29
CA LYS C 1 -0.52 -8.42 -17.93
C LYS C 1 0.86 -8.63 -17.33
N ARG C 2 1.11 -9.83 -16.73
CA ARG C 2 2.39 -10.15 -16.10
C ARG C 2 3.50 -10.39 -17.12
N TRP C 3 4.72 -10.12 -16.68
CA TRP C 3 5.92 -10.38 -17.47
C TRP C 3 6.32 -11.83 -17.28
N ILE C 4 6.59 -12.51 -18.42
CA ILE C 4 7.04 -13.91 -18.48
C ILE C 4 8.51 -13.98 -18.85
N ILE C 5 9.31 -14.61 -17.96
CA ILE C 5 10.75 -14.78 -18.08
C ILE C 5 11.19 -16.20 -17.61
N LEU C 6 12.29 -16.70 -18.20
CA LEU C 6 13.03 -17.90 -17.85
C LEU C 6 14.45 -17.41 -17.48
N GLY C 7 15.11 -18.12 -16.58
CA GLY C 7 16.46 -17.79 -16.16
C GLY C 7 16.54 -16.61 -15.21
N LEU C 8 15.45 -16.34 -14.45
CA LEU C 8 15.46 -15.23 -13.50
C LEU C 8 15.92 -15.64 -12.08
N ASN C 9 16.54 -16.81 -11.89
CA ASN C 9 17.01 -17.14 -10.53
C ASN C 9 18.05 -16.15 -10.05
N LYS C 10 18.00 -15.85 -8.74
CA LYS C 10 18.97 -14.96 -8.12
C LYS C 10 20.32 -15.69 -7.89
#